data_6Y0B
#
_entry.id   6Y0B
#
_cell.length_a   58.066
_cell.length_b   73.097
_cell.length_c   107.640
_cell.angle_alpha   90.000
_cell.angle_beta   90.000
_cell.angle_gamma   90.000
#
_symmetry.space_group_name_H-M   'P 21 21 21'
#
loop_
_entity.id
_entity.type
_entity.pdbx_description
1 polymer 'cAMP-dependent protein kinase catalytic subunit alpha'
2 polymer 'cAMP-dependent protein kinase inhibitor alpha'
3 non-polymer quinazolin-4-amine
4 non-polymer 'DIMETHYL SULFOXIDE'
5 water water
#
loop_
_entity_poly.entity_id
_entity_poly.type
_entity_poly.pdbx_seq_one_letter_code
_entity_poly.pdbx_strand_id
1 'polypeptide(L)'
;GHMGNAAAAKKG(SEP)EQESVKEFLAKAKEEFLKKWESPSQNTAQLDHFDRIKTLGTGSFGRVMLVKHKETGNHYAMKI
LDKQKVVKLKQIEHTLNEKRILQAVNFPFLVKLEFSFKDNSNLYMVMEYVPGGEMFSHLRRIGRFSEPHARFYAAQIVLT
FEYLHSLDLIYRDLKPENLLIDQQGYIQVTDFGFAKRVKGRTW(TPO)LCGTPEYLAPEIILSKGYNKAVDWWALGVLIY
EMAAGYPPFFADQPIQIYEKIVSGKVRFPSHFSSDLKDLLRNLLQVDLTKRFGNLKNGVNDIKNHKWFATTDWIAIYQRK
VEAPFIPKFKGPGDTSNFDDYEEEEIRV(SEP)INEKCGKEFTEF
;
A
2 'polypeptide(L)' TTYADFIASGRTGRRNAIHD B
#
loop_
_chem_comp.id
_chem_comp.type
_chem_comp.name
_chem_comp.formula
1LQ non-polymer quinazolin-4-amine 'C8 H7 N3'
DMS non-polymer 'DIMETHYL SULFOXIDE' 'C2 H6 O S'
#
# COMPACT_ATOMS: atom_id res chain seq x y z
N GLY A 1 -30.93 3.13 21.13
CA GLY A 1 -29.79 3.49 20.32
C GLY A 1 -29.64 2.60 19.10
N HIS A 2 -28.55 2.74 18.37
CA HIS A 2 -28.37 1.92 17.17
C HIS A 2 -28.12 0.46 17.51
N MET A 3 -27.41 0.18 18.61
CA MET A 3 -27.11 -1.19 19.01
C MET A 3 -27.91 -1.56 20.26
N GLY A 4 -28.50 -2.76 20.23
CA GLY A 4 -29.03 -3.36 21.43
C GLY A 4 -27.90 -3.77 22.36
N ASN A 5 -28.30 -4.29 23.54
CA ASN A 5 -27.31 -4.61 24.57
C ASN A 5 -26.33 -5.67 24.09
N ALA A 6 -26.81 -6.71 23.42
CA ALA A 6 -25.93 -7.79 22.98
C ALA A 6 -24.94 -7.30 21.93
N ALA A 7 -25.42 -6.59 20.91
CA ALA A 7 -24.51 -6.06 19.90
C ALA A 7 -23.53 -5.07 20.50
N ALA A 8 -24.00 -4.21 21.41
CA ALA A 8 -23.13 -3.20 22.00
C ALA A 8 -22.00 -3.84 22.82
N ALA A 9 -22.33 -4.87 23.60
CA ALA A 9 -21.31 -5.55 24.40
C ALA A 9 -20.34 -6.31 23.50
N LYS A 10 -20.83 -6.89 22.40
CA LYS A 10 -19.96 -7.59 21.47
C LYS A 10 -18.97 -6.62 20.82
N LYS A 11 -19.48 -5.49 20.35
CA LYS A 11 -18.63 -4.49 19.70
C LYS A 11 -17.59 -3.94 20.66
N GLY A 12 -18.00 -3.61 21.88
CA GLY A 12 -17.06 -3.06 22.85
C GLY A 12 -15.92 -4.01 23.15
N SEP A 13 -16.26 -5.28 23.31
CA SEP A 13 -15.27 -6.29 23.62
CB SEP A 13 -15.94 -7.61 23.97
OG SEP A 13 -15.00 -8.66 23.90
C SEP A 13 -14.31 -6.48 22.44
O SEP A 13 -13.10 -6.66 22.63
P SEP A 13 -15.26 -9.75 25.04
O1P SEP A 13 -16.70 -10.41 24.78
O2P SEP A 13 -14.09 -10.85 24.89
O3P SEP A 13 -15.24 -9.10 26.51
N GLU A 14 -14.87 -6.44 21.23
CA GLU A 14 -14.07 -6.55 20.02
C GLU A 14 -13.08 -5.41 19.91
N GLN A 15 -13.54 -4.19 20.24
CA GLN A 15 -12.66 -3.03 20.19
C GLN A 15 -11.58 -3.14 21.26
N GLU A 16 -11.94 -3.61 22.46
CA GLU A 16 -10.93 -3.82 23.49
C GLU A 16 -9.92 -4.87 23.06
N SER A 17 -10.37 -5.93 22.39
CA SER A 17 -9.44 -6.97 21.97
C SER A 17 -8.47 -6.45 20.92
N VAL A 18 -8.95 -5.56 20.05
CA VAL A 18 -8.05 -4.91 19.10
C VAL A 18 -6.96 -4.14 19.84
N LYS A 19 -7.33 -3.40 20.88
CA LYS A 19 -6.33 -2.67 21.66
C LYS A 19 -5.27 -3.61 22.19
N GLU A 20 -5.71 -4.75 22.75
CA GLU A 20 -4.77 -5.69 23.34
C GLU A 20 -3.85 -6.30 22.28
N PHE A 21 -4.41 -6.61 21.11
CA PHE A 21 -3.60 -7.10 20.00
C PHE A 21 -2.56 -6.06 19.59
N LEU A 22 -3.00 -4.83 19.31
CA LEU A 22 -2.08 -3.79 18.87
C LEU A 22 -1.02 -3.48 19.91
N ALA A 23 -1.35 -3.56 21.20
CA ALA A 23 -0.32 -3.33 22.21
C ALA A 23 0.77 -4.39 22.13
N LYS A 24 0.36 -5.65 21.92
CA LYS A 24 1.35 -6.73 21.81
C LYS A 24 2.13 -6.60 20.51
N ALA A 25 1.45 -6.18 19.45
CA ALA A 25 2.08 -5.99 18.15
C ALA A 25 3.12 -4.87 18.21
N LYS A 26 2.81 -3.80 18.94
CA LYS A 26 3.79 -2.72 19.09
C LYS A 26 5.02 -3.21 19.82
N GLU A 27 4.81 -3.96 20.92
CA GLU A 27 5.93 -4.47 21.70
C GLU A 27 6.83 -5.37 20.85
N GLU A 28 6.23 -6.21 19.99
CA GLU A 28 7.03 -7.10 19.14
C GLU A 28 7.76 -6.31 18.06
N PHE A 29 7.08 -5.34 17.44
CA PHE A 29 7.71 -4.47 16.46
C PHE A 29 8.97 -3.79 17.02
N LEU A 30 8.84 -3.15 18.20
CA LEU A 30 9.97 -2.40 18.76
C LEU A 30 11.14 -3.31 19.09
N LYS A 31 10.87 -4.52 19.63
CA LYS A 31 11.96 -5.45 19.87
C LYS A 31 12.70 -5.78 18.58
N LYS A 32 11.96 -6.02 17.50
CA LYS A 32 12.60 -6.31 16.20
C LYS A 32 13.23 -5.06 15.60
N TRP A 33 12.63 -3.90 15.82
CA TRP A 33 13.25 -2.67 15.33
C TRP A 33 14.58 -2.40 16.02
N GLU A 34 14.66 -2.71 17.32
CA GLU A 34 15.88 -2.47 18.08
C GLU A 34 16.98 -3.44 17.69
N SER A 35 16.64 -4.71 17.45
CA SER A 35 17.64 -5.75 17.20
C SER A 35 17.21 -6.59 16.00
N PRO A 36 17.54 -6.16 14.78
CA PRO A 36 17.28 -6.92 13.55
C PRO A 36 18.08 -8.22 13.48
N ASN A 39 23.11 -9.13 5.83
CA ASN A 39 23.79 -10.00 4.84
C ASN A 39 23.35 -11.45 5.00
N THR A 40 22.06 -11.72 4.82
CA THR A 40 21.51 -13.03 5.10
C THR A 40 21.50 -13.96 3.89
N ALA A 41 22.02 -13.53 2.74
CA ALA A 41 22.17 -14.37 1.55
C ALA A 41 23.17 -13.73 0.61
N GLN A 42 23.29 -14.27 -0.60
CA GLN A 42 24.17 -13.71 -1.61
C GLN A 42 23.60 -14.00 -2.98
N LEU A 43 24.08 -13.25 -3.99
CA LEU A 43 23.41 -13.22 -5.28
C LEU A 43 23.47 -14.56 -5.99
N ASP A 44 24.59 -15.29 -5.88
CA ASP A 44 24.66 -16.57 -6.55
C ASP A 44 23.86 -17.65 -5.83
N HIS A 45 23.09 -17.27 -4.81
CA HIS A 45 22.15 -18.20 -4.21
C HIS A 45 20.83 -18.28 -4.97
N PHE A 46 20.64 -17.43 -5.97
CA PHE A 46 19.37 -17.35 -6.68
C PHE A 46 19.60 -17.44 -8.18
N ASP A 47 18.69 -18.13 -8.86
CA ASP A 47 18.53 -18.02 -10.31
C ASP A 47 17.59 -16.86 -10.61
N ARG A 48 18.02 -15.97 -11.50
CA ARG A 48 17.16 -14.87 -11.93
C ARG A 48 16.30 -15.36 -13.08
N ILE A 49 14.99 -15.12 -12.99
CA ILE A 49 14.03 -15.67 -13.97
C ILE A 49 13.47 -14.58 -14.88
N LYS A 50 12.88 -13.53 -14.31
CA LYS A 50 12.17 -12.53 -15.10
C LYS A 50 11.94 -11.27 -14.27
N THR A 51 11.96 -10.12 -14.95
CA THR A 51 11.64 -8.86 -14.29
C THR A 51 10.14 -8.74 -14.07
N LEU A 52 9.74 -8.49 -12.82
CA LEU A 52 8.33 -8.38 -12.46
C LEU A 52 7.84 -6.94 -12.44
N GLY A 53 8.72 -5.97 -12.22
CA GLY A 53 8.33 -4.58 -12.13
C GLY A 53 9.57 -3.71 -12.13
N THR A 54 9.36 -2.41 -12.35
CA THR A 54 10.47 -1.47 -12.47
C THR A 54 10.13 -0.16 -11.77
N GLY A 55 11.18 0.44 -11.19
CA GLY A 55 11.13 1.79 -10.68
C GLY A 55 12.42 2.51 -11.00
N SER A 56 12.49 3.78 -10.59
CA SER A 56 13.72 4.54 -10.77
C SER A 56 14.88 3.94 -9.96
N PHE A 57 14.58 3.08 -8.99
CA PHE A 57 15.61 2.47 -8.14
C PHE A 57 16.39 1.38 -8.87
N GLY A 58 15.73 0.69 -9.80
CA GLY A 58 16.23 -0.58 -10.31
C GLY A 58 15.05 -1.41 -10.77
N ARG A 59 14.90 -2.62 -10.24
CA ARG A 59 13.83 -3.48 -10.72
C ARG A 59 13.52 -4.54 -9.66
N VAL A 60 12.38 -5.18 -9.85
CA VAL A 60 11.98 -6.36 -9.08
C VAL A 60 11.96 -7.55 -10.04
N MET A 61 12.65 -8.60 -9.66
CA MET A 61 12.78 -9.80 -10.48
C MET A 61 12.27 -11.02 -9.73
N LEU A 62 11.60 -11.91 -10.46
CA LEU A 62 11.35 -13.24 -9.95
C LEU A 62 12.66 -14.02 -9.91
N VAL A 63 12.95 -14.64 -8.77
CA VAL A 63 14.14 -15.45 -8.61
C VAL A 63 13.72 -16.78 -7.98
N LYS A 64 14.56 -17.79 -8.20
CA LYS A 64 14.41 -19.08 -7.56
C LYS A 64 15.62 -19.29 -6.66
N HIS A 65 15.36 -19.53 -5.38
CA HIS A 65 16.45 -19.85 -4.46
C HIS A 65 16.97 -21.24 -4.77
N LYS A 66 18.25 -21.34 -5.14
CA LYS A 66 18.79 -22.58 -5.72
C LYS A 66 18.67 -23.75 -4.77
N GLU A 67 19.11 -23.58 -3.53
CA GLU A 67 19.21 -24.71 -2.62
C GLU A 67 17.83 -25.24 -2.24
N THR A 68 16.85 -24.35 -2.08
CA THR A 68 15.53 -24.72 -1.61
C THR A 68 14.50 -24.84 -2.72
N GLY A 69 14.79 -24.31 -3.90
CA GLY A 69 13.83 -24.30 -4.99
C GLY A 69 12.71 -23.28 -4.86
N ASN A 70 12.65 -22.52 -3.77
CA ASN A 70 11.56 -21.57 -3.59
C ASN A 70 11.72 -20.35 -4.48
N HIS A 71 10.59 -19.82 -4.93
CA HIS A 71 10.55 -18.58 -5.68
C HIS A 71 10.39 -17.39 -4.75
N TYR A 72 11.01 -16.27 -5.11
CA TYR A 72 10.90 -15.03 -4.39
C TYR A 72 10.90 -13.86 -5.37
N ALA A 73 10.48 -12.69 -4.88
CA ALA A 73 10.65 -11.45 -5.61
C ALA A 73 11.88 -10.74 -5.05
N MET A 74 12.82 -10.38 -5.93
CA MET A 74 14.04 -9.73 -5.49
CA MET A 74 14.06 -9.75 -5.51
C MET A 74 14.07 -8.30 -6.00
N LYS A 75 14.02 -7.35 -5.07
CA LYS A 75 14.14 -5.94 -5.41
C LYS A 75 15.62 -5.59 -5.48
N ILE A 76 16.06 -5.10 -6.63
CA ILE A 76 17.45 -4.73 -6.86
C ILE A 76 17.51 -3.22 -6.98
N LEU A 77 18.27 -2.59 -6.08
CA LEU A 77 18.45 -1.15 -6.07
C LEU A 77 19.90 -0.85 -6.45
N ASP A 78 20.08 -0.04 -7.48
CA ASP A 78 21.40 0.44 -7.86
C ASP A 78 21.83 1.54 -6.88
N LYS A 79 22.92 1.30 -6.14
CA LYS A 79 23.30 2.22 -5.08
C LYS A 79 23.54 3.62 -5.60
N GLN A 80 24.28 3.73 -6.71
CA GLN A 80 24.56 5.04 -7.27
C GLN A 80 23.29 5.76 -7.69
N LYS A 81 22.32 5.00 -8.26
CA LYS A 81 21.04 5.62 -8.59
C LYS A 81 20.31 6.09 -7.33
N VAL A 82 20.33 5.27 -6.26
CA VAL A 82 19.67 5.64 -5.01
C VAL A 82 20.25 6.94 -4.47
N VAL A 83 21.58 7.04 -4.48
CA VAL A 83 22.25 8.26 -4.01
C VAL A 83 21.84 9.46 -4.87
N LYS A 84 21.87 9.29 -6.20
CA LYS A 84 21.53 10.39 -7.09
C LYS A 84 20.08 10.83 -6.90
N LEU A 85 19.20 9.89 -6.56
CA LEU A 85 17.79 10.21 -6.34
C LEU A 85 17.51 10.74 -4.95
N LYS A 86 18.54 10.88 -4.11
CA LYS A 86 18.39 11.36 -2.72
C LYS A 86 17.47 10.44 -1.91
N GLN A 87 17.57 9.14 -2.13
CA GLN A 87 16.68 8.19 -1.46
C GLN A 87 17.46 7.21 -0.58
N ILE A 88 18.62 7.65 -0.08
CA ILE A 88 19.37 6.82 0.87
C ILE A 88 18.52 6.48 2.08
N GLU A 89 17.98 7.51 2.75
CA GLU A 89 17.22 7.30 3.97
C GLU A 89 15.96 6.47 3.71
N HIS A 90 15.25 6.76 2.61
CA HIS A 90 14.08 5.96 2.25
C HIS A 90 14.44 4.48 2.16
N THR A 91 15.54 4.17 1.47
CA THR A 91 15.92 2.78 1.23
C THR A 91 16.25 2.06 2.52
N LEU A 92 17.09 2.67 3.36
CA LEU A 92 17.43 2.06 4.64
C LEU A 92 16.20 1.95 5.53
N ASN A 93 15.34 2.97 5.54
CA ASN A 93 14.11 2.93 6.31
C ASN A 93 13.17 1.83 5.82
N GLU A 94 12.99 1.70 4.51
CA GLU A 94 12.13 0.65 3.99
C GLU A 94 12.60 -0.73 4.44
N LYS A 95 13.90 -0.99 4.34
CA LYS A 95 14.43 -2.27 4.80
C LYS A 95 14.20 -2.46 6.29
N ARG A 96 14.38 -1.38 7.06
CA ARG A 96 14.21 -1.49 8.51
C ARG A 96 12.74 -1.76 8.87
N ILE A 97 11.81 -1.15 8.15
CA ILE A 97 10.40 -1.43 8.40
C ILE A 97 10.09 -2.87 8.05
N LEU A 98 10.50 -3.30 6.86
CA LEU A 98 10.14 -4.63 6.39
C LEU A 98 10.68 -5.72 7.31
N GLN A 99 11.84 -5.49 7.92
CA GLN A 99 12.41 -6.47 8.85
C GLN A 99 11.61 -6.55 10.13
N ALA A 100 10.94 -5.47 10.51
CA ALA A 100 10.38 -5.36 11.85
C ALA A 100 8.90 -5.63 11.92
N VAL A 101 8.17 -5.40 10.84
CA VAL A 101 6.71 -5.54 10.89
C VAL A 101 6.32 -7.00 10.70
N ASN A 102 5.09 -7.31 11.11
CA ASN A 102 4.56 -8.65 10.95
C ASN A 102 3.05 -8.52 10.88
N PHE A 103 2.47 -8.78 9.71
CA PHE A 103 1.03 -8.62 9.52
C PHE A 103 0.62 -9.36 8.26
N PRO A 104 -0.56 -9.98 8.23
CA PRO A 104 -0.86 -10.90 7.13
C PRO A 104 -0.97 -10.25 5.76
N PHE A 105 -1.10 -8.92 5.70
CA PHE A 105 -1.19 -8.20 4.44
C PHE A 105 0.04 -7.36 4.14
N LEU A 106 1.12 -7.55 4.89
CA LEU A 106 2.39 -6.90 4.62
C LEU A 106 3.39 -7.95 4.17
N VAL A 107 4.07 -7.67 3.07
CA VAL A 107 4.94 -8.67 2.48
C VAL A 107 6.06 -9.02 3.45
N LYS A 108 6.45 -10.30 3.42
CA LYS A 108 7.47 -10.81 4.31
C LYS A 108 8.82 -10.78 3.60
N LEU A 109 9.77 -10.08 4.21
CA LEU A 109 11.13 -10.07 3.72
C LEU A 109 11.86 -11.31 4.21
N GLU A 110 12.54 -11.99 3.30
CA GLU A 110 13.23 -13.22 3.63
C GLU A 110 14.73 -13.02 3.76
N PHE A 111 15.34 -12.36 2.78
CA PHE A 111 16.77 -12.10 2.83
C PHE A 111 17.02 -10.68 2.39
N SER A 112 18.17 -10.16 2.79
CA SER A 112 18.67 -8.90 2.26
C SER A 112 20.19 -8.98 2.28
N PHE A 113 20.80 -8.33 1.29
CA PHE A 113 22.26 -8.32 1.18
C PHE A 113 22.64 -7.23 0.19
N LYS A 114 23.93 -7.00 0.04
CA LYS A 114 24.43 -5.97 -0.86
C LYS A 114 25.77 -6.42 -1.44
N ASP A 115 26.13 -5.84 -2.57
CA ASP A 115 27.46 -6.05 -3.14
C ASP A 115 28.00 -4.70 -3.59
N ASN A 116 29.03 -4.72 -4.45
CA ASN A 116 29.72 -3.48 -4.80
C ASN A 116 28.77 -2.46 -5.44
N SER A 117 27.76 -2.92 -6.18
CA SER A 117 26.91 -2.02 -6.96
C SER A 117 25.49 -1.90 -6.45
N ASN A 118 24.93 -2.97 -5.89
CA ASN A 118 23.49 -3.01 -5.66
C ASN A 118 23.16 -3.39 -4.23
N LEU A 119 21.93 -3.06 -3.87
CA LEU A 119 21.27 -3.53 -2.65
C LEU A 119 20.19 -4.52 -3.07
N TYR A 120 20.01 -5.58 -2.28
CA TYR A 120 19.06 -6.63 -2.63
C TYR A 120 18.08 -6.86 -1.49
N MET A 121 16.78 -6.80 -1.79
CA MET A 121 15.73 -7.20 -0.85
C MET A 121 14.96 -8.36 -1.45
N VAL A 122 15.06 -9.52 -0.82
CA VAL A 122 14.38 -10.72 -1.29
C VAL A 122 13.15 -10.94 -0.41
N MET A 123 11.98 -10.87 -1.00
CA MET A 123 10.74 -10.98 -0.26
C MET A 123 9.87 -12.05 -0.91
N GLU A 124 8.79 -12.41 -0.21
CA GLU A 124 7.86 -13.38 -0.75
C GLU A 124 7.38 -12.94 -2.12
N TYR A 125 7.28 -13.89 -3.04
CA TYR A 125 6.72 -13.62 -4.37
C TYR A 125 5.19 -13.59 -4.26
N VAL A 126 4.58 -12.49 -4.70
CA VAL A 126 3.12 -12.34 -4.65
C VAL A 126 2.64 -12.57 -6.08
N PRO A 127 2.09 -13.74 -6.40
CA PRO A 127 1.96 -14.13 -7.81
C PRO A 127 0.72 -13.61 -8.54
N GLY A 128 -0.26 -13.06 -7.84
CA GLY A 128 -1.50 -12.69 -8.51
C GLY A 128 -1.52 -11.35 -9.23
N GLY A 129 -0.42 -10.59 -9.26
CA GLY A 129 -0.35 -9.37 -10.04
C GLY A 129 -0.74 -8.12 -9.25
N GLU A 130 -0.55 -6.96 -9.89
N GLU A 130 -0.55 -6.96 -9.87
CA GLU A 130 -0.96 -5.70 -9.30
CA GLU A 130 -0.93 -5.71 -9.23
C GLU A 130 -2.49 -5.58 -9.26
C GLU A 130 -2.44 -5.52 -9.27
N MET A 131 -3.01 -5.03 -8.16
CA MET A 131 -4.43 -4.65 -8.15
C MET A 131 -4.74 -3.71 -9.32
N PHE A 132 -3.78 -2.84 -9.67
CA PHE A 132 -4.00 -1.86 -10.72
C PHE A 132 -4.42 -2.51 -12.02
N SER A 133 -3.71 -3.56 -12.43
N SER A 133 -3.72 -3.57 -12.43
CA SER A 133 -4.05 -4.27 -13.67
CA SER A 133 -4.05 -4.25 -13.68
C SER A 133 -5.43 -4.88 -13.57
C SER A 133 -5.42 -4.90 -13.59
N HIS A 134 -5.74 -5.52 -12.45
CA HIS A 134 -7.03 -6.17 -12.31
C HIS A 134 -8.15 -5.15 -12.34
N LEU A 135 -7.94 -4.00 -11.70
CA LEU A 135 -8.95 -2.95 -11.69
C LEU A 135 -9.16 -2.36 -13.08
N ARG A 136 -8.08 -2.05 -13.80
CA ARG A 136 -8.24 -1.49 -15.14
C ARG A 136 -8.85 -2.51 -16.10
N ARG A 137 -8.54 -3.79 -15.90
N ARG A 137 -8.54 -3.78 -15.90
CA ARG A 137 -9.08 -4.81 -16.79
CA ARG A 137 -9.06 -4.83 -16.76
C ARG A 137 -10.56 -5.06 -16.52
C ARG A 137 -10.54 -5.07 -16.52
N ILE A 138 -10.92 -5.21 -15.25
CA ILE A 138 -12.31 -5.49 -14.91
C ILE A 138 -13.13 -4.22 -15.04
N GLY A 139 -12.49 -3.07 -14.90
CA GLY A 139 -13.14 -1.80 -15.10
C GLY A 139 -13.40 -1.17 -13.76
N ARG A 140 -14.29 -1.77 -12.99
CA ARG A 140 -14.50 -1.39 -11.61
C ARG A 140 -14.89 -2.63 -10.82
N PHE A 141 -14.68 -2.57 -9.52
CA PHE A 141 -15.06 -3.65 -8.63
C PHE A 141 -16.45 -3.38 -8.06
N SER A 142 -17.24 -4.43 -7.91
CA SER A 142 -18.49 -4.33 -7.19
C SER A 142 -18.23 -3.82 -5.77
N GLU A 143 -19.25 -3.28 -5.14
CA GLU A 143 -19.03 -2.79 -3.78
C GLU A 143 -18.63 -3.91 -2.82
N PRO A 144 -19.18 -5.14 -2.90
CA PRO A 144 -18.65 -6.20 -2.04
C PRO A 144 -17.20 -6.52 -2.31
N HIS A 145 -16.79 -6.48 -3.58
CA HIS A 145 -15.41 -6.75 -3.96
C HIS A 145 -14.50 -5.65 -3.46
N ALA A 146 -14.89 -4.39 -3.66
CA ALA A 146 -14.13 -3.27 -3.13
C ALA A 146 -14.04 -3.31 -1.61
N ARG A 147 -15.12 -3.69 -0.95
CA ARG A 147 -15.13 -3.73 0.51
C ARG A 147 -14.18 -4.79 1.05
N PHE A 148 -14.13 -5.96 0.40
CA PHE A 148 -13.17 -6.98 0.81
C PHE A 148 -11.76 -6.41 0.80
N TYR A 149 -11.37 -5.73 -0.29
CA TYR A 149 -10.05 -5.13 -0.34
C TYR A 149 -9.93 -4.01 0.68
N ALA A 150 -10.94 -3.13 0.75
CA ALA A 150 -10.86 -2.00 1.65
C ALA A 150 -10.66 -2.45 3.10
N ALA A 151 -11.36 -3.50 3.53
CA ALA A 151 -11.24 -3.97 4.90
C ALA A 151 -9.81 -4.40 5.21
N GLN A 152 -9.11 -4.97 4.23
CA GLN A 152 -7.71 -5.33 4.45
C GLN A 152 -6.84 -4.08 4.65
N ILE A 153 -7.08 -3.03 3.88
CA ILE A 153 -6.30 -1.81 4.06
C ILE A 153 -6.60 -1.17 5.42
N VAL A 154 -7.87 -1.21 5.84
CA VAL A 154 -8.23 -0.62 7.14
C VAL A 154 -7.46 -1.32 8.24
N LEU A 155 -7.45 -2.66 8.22
CA LEU A 155 -6.73 -3.40 9.25
C LEU A 155 -5.24 -3.15 9.16
N THR A 156 -4.71 -3.09 7.94
CA THR A 156 -3.29 -2.85 7.74
C THR A 156 -2.88 -1.47 8.26
N PHE A 157 -3.72 -0.45 8.00
CA PHE A 157 -3.44 0.90 8.49
C PHE A 157 -3.65 0.98 9.99
N GLU A 158 -4.67 0.29 10.52
CA GLU A 158 -4.84 0.22 11.97
C GLU A 158 -3.58 -0.30 12.62
N TYR A 159 -2.98 -1.33 12.01
CA TYR A 159 -1.75 -1.92 12.50
C TYR A 159 -0.58 -0.96 12.36
N LEU A 160 -0.34 -0.44 11.15
CA LEU A 160 0.80 0.46 10.97
C LEU A 160 0.69 1.70 11.84
N HIS A 161 -0.51 2.31 11.91
CA HIS A 161 -0.63 3.51 12.72
C HIS A 161 -0.42 3.23 14.21
N SER A 162 -0.72 2.02 14.69
CA SER A 162 -0.46 1.72 16.10
C SER A 162 1.04 1.66 16.37
N LEU A 163 1.83 1.37 15.33
CA LEU A 163 3.29 1.43 15.36
C LEU A 163 3.83 2.81 15.09
N ASP A 164 2.94 3.80 14.93
CA ASP A 164 3.28 5.18 14.60
C ASP A 164 3.88 5.31 13.20
N LEU A 165 3.56 4.37 12.31
CA LEU A 165 4.03 4.45 10.93
C LEU A 165 2.93 5.06 10.07
N ILE A 166 3.27 6.12 9.35
CA ILE A 166 2.39 6.61 8.29
C ILE A 166 2.85 5.95 6.99
N TYR A 167 1.89 5.56 6.15
CA TYR A 167 2.28 4.80 4.96
C TYR A 167 2.59 5.73 3.78
N ARG A 168 1.67 6.64 3.47
CA ARG A 168 1.81 7.78 2.54
C ARG A 168 1.89 7.43 1.05
N ASP A 169 1.76 6.19 0.63
CA ASP A 169 1.73 5.96 -0.83
C ASP A 169 0.76 4.84 -1.20
N LEU A 170 -0.43 4.90 -0.61
CA LEU A 170 -1.50 4.00 -1.00
C LEU A 170 -1.99 4.32 -2.40
N LYS A 171 -2.15 3.29 -3.20
CA LYS A 171 -2.70 3.37 -4.54
C LYS A 171 -2.77 1.95 -5.08
N PRO A 172 -3.61 1.66 -6.07
CA PRO A 172 -3.69 0.28 -6.56
C PRO A 172 -2.37 -0.23 -7.08
N GLU A 173 -1.51 0.68 -7.56
CA GLU A 173 -0.21 0.30 -8.09
C GLU A 173 0.67 -0.34 -7.02
N ASN A 174 0.45 0.00 -5.76
CA ASN A 174 1.24 -0.49 -4.64
C ASN A 174 0.60 -1.66 -3.93
N LEU A 175 -0.43 -2.26 -4.51
CA LEU A 175 -1.13 -3.37 -3.88
C LEU A 175 -1.10 -4.57 -4.80
N LEU A 176 -0.55 -5.68 -4.31
CA LEU A 176 -0.46 -6.93 -5.05
C LEU A 176 -1.50 -7.89 -4.52
N ILE A 177 -1.91 -8.81 -5.38
CA ILE A 177 -2.90 -9.84 -5.04
C ILE A 177 -2.19 -11.16 -4.91
N ASP A 178 -2.37 -11.86 -3.79
CA ASP A 178 -1.67 -13.11 -3.59
C ASP A 178 -2.53 -14.26 -4.13
N GLN A 179 -2.06 -15.48 -3.89
CA GLN A 179 -2.69 -16.65 -4.50
C GLN A 179 -4.09 -16.89 -3.98
N GLN A 180 -4.39 -16.46 -2.75
CA GLN A 180 -5.72 -16.61 -2.20
C GLN A 180 -6.62 -15.41 -2.46
N GLY A 181 -6.17 -14.43 -3.24
CA GLY A 181 -6.96 -13.27 -3.57
C GLY A 181 -6.87 -12.16 -2.56
N TYR A 182 -5.98 -12.29 -1.58
CA TYR A 182 -5.79 -11.25 -0.57
C TYR A 182 -4.70 -10.28 -1.00
N ILE A 183 -4.69 -9.12 -0.33
CA ILE A 183 -3.79 -8.02 -0.66
CA ILE A 183 -3.80 -8.00 -0.64
C ILE A 183 -2.45 -8.20 0.02
N GLN A 184 -1.39 -7.82 -0.66
CA GLN A 184 -0.05 -7.72 -0.07
C GLN A 184 0.50 -6.34 -0.36
N VAL A 185 1.00 -5.68 0.69
CA VAL A 185 1.68 -4.38 0.56
C VAL A 185 3.17 -4.65 0.61
N THR A 186 3.92 -4.12 -0.37
CA THR A 186 5.36 -4.38 -0.39
C THR A 186 6.23 -3.13 -0.29
N ASP A 187 5.74 -1.96 -0.72
CA ASP A 187 6.59 -0.79 -0.87
C ASP A 187 6.44 0.12 0.35
N PHE A 188 7.56 0.43 1.01
CA PHE A 188 7.53 1.30 2.16
C PHE A 188 8.51 2.46 1.99
N GLY A 189 8.72 2.88 0.75
CA GLY A 189 9.72 3.91 0.47
C GLY A 189 9.34 5.30 0.95
N PHE A 190 8.08 5.54 1.26
CA PHE A 190 7.67 6.82 1.82
C PHE A 190 7.13 6.69 3.23
N ALA A 191 7.11 5.48 3.79
CA ALA A 191 6.62 5.28 5.13
C ALA A 191 7.58 5.94 6.13
N LYS A 192 7.01 6.43 7.23
CA LYS A 192 7.82 7.11 8.23
C LYS A 192 7.19 6.92 9.59
N ARG A 193 8.03 6.76 10.62
CA ARG A 193 7.57 6.74 12.01
C ARG A 193 7.24 8.16 12.41
N VAL A 194 5.97 8.44 12.63
CA VAL A 194 5.48 9.78 12.94
C VAL A 194 4.54 9.65 14.12
N LYS A 195 5.03 9.95 15.32
CA LYS A 195 4.14 10.00 16.47
C LYS A 195 3.24 11.23 16.39
N GLY A 196 3.81 12.37 16.00
CA GLY A 196 3.07 13.61 15.90
C GLY A 196 2.81 14.05 14.48
N ARG A 197 3.55 15.03 14.00
CA ARG A 197 3.35 15.55 12.66
C ARG A 197 4.61 15.38 11.82
N THR A 198 4.44 15.52 10.50
CA THR A 198 5.57 15.51 9.59
C THR A 198 5.23 16.43 8.42
N TRP A 199 6.23 16.77 7.62
CA TRP A 199 6.02 17.84 6.65
C TRP A 199 6.42 17.53 5.21
N TPO A 200 6.95 16.34 4.94
CA TPO A 200 7.49 16.10 3.61
CB TPO A 200 8.33 14.82 3.59
CG2 TPO A 200 9.01 14.68 2.22
OG1 TPO A 200 9.38 14.95 4.55
P TPO A 200 9.17 13.78 5.64
O1P TPO A 200 7.68 13.78 6.23
O2P TPO A 200 10.24 14.14 6.77
O3P TPO A 200 9.44 12.48 5.01
C TPO A 200 6.38 16.03 2.55
O TPO A 200 5.35 15.39 2.74
N LEU A 201 6.61 16.75 1.45
CA LEU A 201 5.74 16.64 0.28
C LEU A 201 6.08 15.33 -0.42
N CYS A 202 5.22 14.34 -0.31
CA CYS A 202 5.46 13.07 -0.98
C CYS A 202 4.15 12.33 -1.16
N GLY A 203 4.14 11.40 -2.12
CA GLY A 203 2.96 10.64 -2.45
C GLY A 203 2.72 10.71 -3.94
N THR A 204 1.51 10.35 -4.35
CA THR A 204 1.13 10.30 -5.76
C THR A 204 -0.03 11.27 -5.97
N PRO A 205 0.00 12.12 -7.00
CA PRO A 205 -0.93 13.29 -7.00
C PRO A 205 -2.38 12.96 -6.72
N GLU A 206 -2.92 11.89 -7.35
CA GLU A 206 -4.34 11.58 -7.20
C GLU A 206 -4.71 11.20 -5.78
N TYR A 207 -3.73 10.77 -4.99
CA TYR A 207 -3.97 10.27 -3.65
C TYR A 207 -3.51 11.22 -2.56
N LEU A 208 -3.02 12.41 -2.92
CA LEU A 208 -2.54 13.34 -1.90
C LEU A 208 -3.69 13.97 -1.13
N ALA A 209 -3.57 13.96 0.19
CA ALA A 209 -4.50 14.65 1.04
C ALA A 209 -4.34 16.16 0.86
N PRO A 210 -5.41 16.94 1.08
CA PRO A 210 -5.29 18.40 0.90
C PRO A 210 -4.19 19.02 1.72
N GLU A 211 -4.03 18.59 2.98
CA GLU A 211 -3.06 19.22 3.86
C GLU A 211 -1.62 18.96 3.40
N ILE A 212 -1.38 17.90 2.65
CA ILE A 212 -0.05 17.73 2.07
C ILE A 212 0.15 18.75 0.95
N ILE A 213 -0.85 18.83 0.05
CA ILE A 213 -0.83 19.79 -1.04
C ILE A 213 -0.63 21.20 -0.52
N LEU A 214 -1.31 21.53 0.58
CA LEU A 214 -1.27 22.87 1.15
C LEU A 214 -0.02 23.10 2.01
N SER A 215 0.94 22.18 1.99
CA SER A 215 2.23 22.36 2.67
C SER A 215 2.05 22.56 4.17
N LYS A 216 1.13 21.81 4.76
CA LYS A 216 0.90 21.84 6.18
CA LYS A 216 0.92 21.86 6.19
C LYS A 216 1.70 20.75 6.88
N GLY A 217 1.83 20.88 8.19
CA GLY A 217 2.25 19.75 9.00
C GLY A 217 1.08 18.80 9.09
N TYR A 218 1.31 17.52 8.82
CA TYR A 218 0.20 16.60 8.71
C TYR A 218 0.51 15.32 9.48
N ASN A 219 -0.49 14.46 9.61
CA ASN A 219 -0.35 13.29 10.46
C ASN A 219 -0.93 12.10 9.73
N LYS A 220 -1.15 11.02 10.49
CA LYS A 220 -1.62 9.77 9.92
C LYS A 220 -2.96 9.90 9.20
N ALA A 221 -3.72 10.98 9.42
CA ALA A 221 -4.99 11.14 8.74
C ALA A 221 -4.84 11.24 7.22
N VAL A 222 -3.64 11.53 6.70
CA VAL A 222 -3.47 11.51 5.25
C VAL A 222 -3.67 10.09 4.70
N ASP A 223 -3.38 9.07 5.51
CA ASP A 223 -3.59 7.69 5.08
C ASP A 223 -5.06 7.38 4.98
N TRP A 224 -5.87 7.94 5.88
CA TRP A 224 -7.31 7.72 5.81
C TRP A 224 -7.93 8.48 4.64
N TRP A 225 -7.42 9.66 4.30
CA TRP A 225 -7.84 10.30 3.07
C TRP A 225 -7.52 9.41 1.86
N ALA A 226 -6.29 8.88 1.81
CA ALA A 226 -5.90 8.01 0.69
C ALA A 226 -6.77 6.76 0.61
N LEU A 227 -7.20 6.23 1.76
CA LEU A 227 -8.16 5.14 1.74
C LEU A 227 -9.46 5.55 1.03
N GLY A 228 -9.95 6.75 1.28
CA GLY A 228 -11.13 7.21 0.57
C GLY A 228 -10.92 7.24 -0.94
N VAL A 229 -9.78 7.78 -1.36
CA VAL A 229 -9.46 7.79 -2.79
C VAL A 229 -9.44 6.36 -3.33
N LEU A 230 -8.82 5.43 -2.59
CA LEU A 230 -8.70 4.06 -3.07
C LEU A 230 -10.06 3.40 -3.20
N ILE A 231 -10.88 3.53 -2.15
CA ILE A 231 -12.21 2.92 -2.19
C ILE A 231 -13.00 3.48 -3.36
N TYR A 232 -12.94 4.81 -3.56
CA TYR A 232 -13.61 5.44 -4.69
C TYR A 232 -13.11 4.87 -6.00
N GLU A 233 -11.78 4.78 -6.15
CA GLU A 233 -11.28 4.31 -7.44
C GLU A 233 -11.65 2.86 -7.66
N MET A 234 -11.56 2.02 -6.62
CA MET A 234 -11.94 0.63 -6.78
C MET A 234 -13.40 0.49 -7.21
N ALA A 235 -14.28 1.29 -6.64
CA ALA A 235 -15.71 1.15 -6.90
C ALA A 235 -16.17 1.88 -8.15
N ALA A 236 -15.50 2.96 -8.52
CA ALA A 236 -15.85 3.71 -9.71
C ALA A 236 -15.06 3.27 -10.94
N GLY A 237 -13.84 2.76 -10.74
CA GLY A 237 -12.94 2.48 -11.83
C GLY A 237 -12.05 3.64 -12.22
N TYR A 238 -12.26 4.81 -11.63
CA TYR A 238 -11.42 5.98 -11.81
C TYR A 238 -11.38 6.71 -10.47
N PRO A 239 -10.37 7.54 -10.25
CA PRO A 239 -10.25 8.20 -8.95
C PRO A 239 -11.13 9.43 -8.85
N PRO A 240 -11.38 9.94 -7.63
CA PRO A 240 -12.30 11.08 -7.49
C PRO A 240 -11.74 12.35 -8.08
N PHE A 241 -10.42 12.51 -8.12
CA PHE A 241 -9.80 13.75 -8.58
C PHE A 241 -8.81 13.40 -9.67
N PHE A 242 -9.12 13.82 -10.90
CA PHE A 242 -8.20 13.63 -12.01
C PHE A 242 -8.27 14.85 -12.90
N ALA A 243 -7.20 15.03 -13.69
CA ALA A 243 -7.07 16.11 -14.65
C ALA A 243 -5.82 15.83 -15.49
N ASP A 244 -5.60 16.66 -16.50
N ASP A 244 -5.58 16.68 -16.48
CA ASP A 244 -4.45 16.47 -17.38
CA ASP A 244 -4.47 16.48 -17.39
C ASP A 244 -3.14 16.57 -16.61
C ASP A 244 -3.11 16.64 -16.70
N GLN A 245 -3.02 17.58 -15.76
CA GLN A 245 -1.77 17.85 -15.08
C GLN A 245 -1.97 17.85 -13.56
N PRO A 246 -0.96 17.42 -12.82
CA PRO A 246 -1.09 17.39 -11.35
C PRO A 246 -1.63 18.66 -10.72
N ILE A 247 -1.20 19.86 -11.18
CA ILE A 247 -1.65 21.10 -10.55
C ILE A 247 -3.17 21.22 -10.58
N GLN A 248 -3.80 20.78 -11.68
CA GLN A 248 -5.26 20.82 -11.72
C GLN A 248 -5.89 19.75 -10.83
N ILE A 249 -5.22 18.61 -10.66
CA ILE A 249 -5.72 17.61 -9.71
C ILE A 249 -5.73 18.19 -8.31
N TYR A 250 -4.68 18.94 -7.97
CA TYR A 250 -4.57 19.50 -6.62
C TYR A 250 -5.67 20.50 -6.36
N GLU A 251 -6.00 21.33 -7.36
CA GLU A 251 -7.08 22.31 -7.19
C GLU A 251 -8.39 21.61 -6.87
N LYS A 252 -8.63 20.46 -7.51
CA LYS A 252 -9.85 19.70 -7.22
C LYS A 252 -9.83 19.11 -5.83
N ILE A 253 -8.70 18.52 -5.43
CA ILE A 253 -8.59 17.92 -4.11
C ILE A 253 -8.90 18.94 -3.02
N VAL A 254 -8.32 20.13 -3.12
CA VAL A 254 -8.48 21.07 -2.00
C VAL A 254 -9.83 21.75 -2.00
N SER A 255 -10.65 21.56 -3.04
CA SER A 255 -11.88 22.33 -3.22
C SER A 255 -13.01 21.94 -2.26
N GLY A 256 -12.91 20.79 -1.61
CA GLY A 256 -14.00 20.31 -0.79
C GLY A 256 -15.13 19.66 -1.55
N LYS A 257 -15.03 19.58 -2.87
CA LYS A 257 -16.08 19.04 -3.73
C LYS A 257 -15.66 17.68 -4.26
N VAL A 258 -16.61 16.76 -4.32
CA VAL A 258 -16.38 15.43 -4.90
C VAL A 258 -17.70 14.98 -5.51
N ARG A 259 -17.63 14.34 -6.68
CA ARG A 259 -18.80 13.80 -7.34
C ARG A 259 -18.71 12.28 -7.35
N PHE A 260 -19.87 11.62 -7.31
CA PHE A 260 -19.97 10.18 -7.23
C PHE A 260 -20.77 9.64 -8.40
N PRO A 261 -20.40 8.46 -8.92
CA PRO A 261 -21.24 7.79 -9.90
C PRO A 261 -22.61 7.49 -9.33
N SER A 262 -23.62 7.47 -10.20
CA SER A 262 -24.97 7.17 -9.72
C SER A 262 -25.10 5.75 -9.18
N HIS A 263 -24.19 4.85 -9.52
CA HIS A 263 -24.31 3.48 -9.03
C HIS A 263 -23.73 3.29 -7.63
N PHE A 264 -23.00 4.28 -7.09
CA PHE A 264 -22.55 4.20 -5.70
C PHE A 264 -23.75 4.14 -4.76
N SER A 265 -23.70 3.21 -3.82
CA SER A 265 -24.73 3.16 -2.79
C SER A 265 -24.65 4.40 -1.90
N SER A 266 -25.75 4.67 -1.20
CA SER A 266 -25.74 5.79 -0.28
C SER A 266 -24.76 5.55 0.86
N ASP A 267 -24.68 4.31 1.36
CA ASP A 267 -23.70 4.01 2.40
C ASP A 267 -22.28 4.31 1.92
N LEU A 268 -21.97 3.95 0.67
CA LEU A 268 -20.62 4.19 0.17
C LEU A 268 -20.33 5.69 0.08
N LYS A 269 -21.26 6.45 -0.51
CA LYS A 269 -21.07 7.90 -0.58
C LYS A 269 -20.87 8.51 0.80
N ASP A 270 -21.63 8.05 1.79
CA ASP A 270 -21.48 8.61 3.14
C ASP A 270 -20.09 8.32 3.70
N LEU A 271 -19.62 7.07 3.57
CA LEU A 271 -18.27 6.76 4.03
C LEU A 271 -17.25 7.63 3.31
N LEU A 272 -17.44 7.83 2.00
CA LEU A 272 -16.43 8.53 1.22
C LEU A 272 -16.42 10.01 1.55
N ARG A 273 -17.60 10.60 1.80
CA ARG A 273 -17.61 12.00 2.21
C ARG A 273 -16.92 12.18 3.54
N ASN A 274 -16.92 11.17 4.40
CA ASN A 274 -16.25 11.30 5.68
C ASN A 274 -14.76 10.98 5.64
N LEU A 275 -14.30 10.20 4.64
CA LEU A 275 -12.87 9.98 4.44
C LEU A 275 -12.24 11.08 3.60
N LEU A 276 -12.93 11.51 2.55
CA LEU A 276 -12.49 12.59 1.66
C LEU A 276 -12.98 13.93 2.19
N GLN A 277 -12.73 14.12 3.48
CA GLN A 277 -13.12 15.30 4.23
C GLN A 277 -11.91 16.21 4.33
N VAL A 278 -12.00 17.39 3.70
N VAL A 278 -12.02 17.40 3.73
CA VAL A 278 -10.89 18.32 3.76
CA VAL A 278 -10.89 18.33 3.74
C VAL A 278 -10.63 18.75 5.19
C VAL A 278 -10.71 19.03 5.07
N ASP A 279 -11.69 18.92 5.97
CA ASP A 279 -11.60 19.47 7.33
C ASP A 279 -11.09 18.37 8.24
N LEU A 280 -9.87 18.52 8.73
CA LEU A 280 -9.29 17.50 9.60
C LEU A 280 -10.11 17.29 10.87
N THR A 281 -10.79 18.32 11.37
CA THR A 281 -11.56 18.11 12.59
C THR A 281 -12.75 17.19 12.38
N LYS A 282 -13.05 16.81 11.14
CA LYS A 282 -14.19 15.99 10.82
C LYS A 282 -13.85 14.70 10.08
N ARG A 283 -12.59 14.47 9.72
CA ARG A 283 -12.27 13.33 8.87
C ARG A 283 -12.25 12.04 9.69
N PHE A 284 -12.95 11.02 9.19
CA PHE A 284 -12.91 9.70 9.79
C PHE A 284 -11.48 9.17 9.84
N GLY A 285 -11.16 8.50 10.94
CA GLY A 285 -9.80 8.09 11.19
C GLY A 285 -9.00 9.10 12.00
N ASN A 286 -9.50 10.34 12.11
CA ASN A 286 -8.80 11.42 12.83
C ASN A 286 -9.57 11.91 14.05
N LEU A 287 -10.65 11.23 14.43
CA LEU A 287 -11.50 11.74 15.50
C LEU A 287 -11.25 10.96 16.79
N LYS A 288 -11.93 11.40 17.85
CA LYS A 288 -11.78 10.75 19.15
C LYS A 288 -12.01 9.24 19.05
N ASN A 289 -12.93 8.80 18.19
CA ASN A 289 -13.26 7.38 18.05
C ASN A 289 -12.25 6.62 17.19
N GLY A 290 -11.27 7.30 16.63
CA GLY A 290 -10.21 6.61 15.90
C GLY A 290 -10.71 5.81 14.72
N VAL A 291 -10.11 4.64 14.53
CA VAL A 291 -10.47 3.78 13.41
C VAL A 291 -11.89 3.25 13.55
N ASN A 292 -12.44 3.29 14.77
CA ASN A 292 -13.77 2.72 14.98
C ASN A 292 -14.83 3.44 14.14
N ASP A 293 -14.64 4.74 13.87
CA ASP A 293 -15.61 5.40 12.99
C ASP A 293 -15.65 4.75 11.62
N ILE A 294 -14.52 4.23 11.14
CA ILE A 294 -14.51 3.58 9.84
C ILE A 294 -15.03 2.16 9.95
N LYS A 295 -14.52 1.38 10.90
CA LYS A 295 -14.87 -0.03 10.99
C LYS A 295 -16.34 -0.24 11.31
N ASN A 296 -16.96 0.71 12.03
CA ASN A 296 -18.35 0.59 12.43
C ASN A 296 -19.29 1.31 11.49
N HIS A 297 -18.77 1.88 10.39
CA HIS A 297 -19.64 2.54 9.42
C HIS A 297 -20.56 1.53 8.73
N LYS A 298 -21.75 2.01 8.33
N LYS A 298 -21.77 2.00 8.36
CA LYS A 298 -22.77 1.15 7.73
CA LYS A 298 -22.76 1.15 7.72
C LYS A 298 -22.26 0.42 6.48
C LYS A 298 -22.22 0.40 6.51
N TRP A 299 -21.32 1.02 5.74
CA TRP A 299 -20.83 0.36 4.53
C TRP A 299 -20.05 -0.91 4.85
N PHE A 300 -19.48 -1.00 6.06
CA PHE A 300 -18.74 -2.16 6.53
C PHE A 300 -19.55 -3.07 7.44
N ALA A 301 -20.87 -2.88 7.50
CA ALA A 301 -21.67 -3.61 8.47
C ALA A 301 -21.59 -5.12 8.26
N THR A 302 -21.44 -5.56 7.00
CA THR A 302 -21.34 -6.99 6.70
C THR A 302 -19.92 -7.53 6.86
N THR A 303 -18.96 -6.69 7.23
CA THR A 303 -17.57 -7.12 7.32
C THR A 303 -17.31 -7.77 8.67
N ASP A 304 -16.82 -9.02 8.64
CA ASP A 304 -16.36 -9.72 9.83
C ASP A 304 -14.87 -9.46 9.93
N TRP A 305 -14.50 -8.47 10.75
CA TRP A 305 -13.13 -7.96 10.76
C TRP A 305 -12.13 -9.04 11.17
N ILE A 306 -12.49 -9.85 12.17
CA ILE A 306 -11.58 -10.93 12.58
C ILE A 306 -11.42 -11.94 11.45
N ALA A 307 -12.51 -12.24 10.73
CA ALA A 307 -12.42 -13.24 9.69
C ALA A 307 -11.57 -12.75 8.54
N ILE A 308 -11.61 -11.45 8.24
CA ILE A 308 -10.72 -10.87 7.25
C ILE A 308 -9.27 -11.02 7.70
N TYR A 309 -8.99 -10.62 8.94
CA TYR A 309 -7.64 -10.76 9.47
C TYR A 309 -7.16 -12.19 9.41
N GLN A 310 -8.03 -13.15 9.73
CA GLN A 310 -7.70 -14.56 9.73
C GLN A 310 -7.66 -15.16 8.34
N ARG A 311 -8.00 -14.38 7.31
CA ARG A 311 -8.03 -14.82 5.92
C ARG A 311 -9.00 -15.98 5.73
N LYS A 312 -10.13 -15.91 6.42
CA LYS A 312 -11.15 -16.93 6.33
C LYS A 312 -12.33 -16.52 5.47
N VAL A 313 -12.31 -15.31 4.92
CA VAL A 313 -13.34 -14.89 3.98
C VAL A 313 -12.95 -15.37 2.58
N GLU A 314 -13.91 -15.94 1.86
CA GLU A 314 -13.68 -16.33 0.49
C GLU A 314 -13.49 -15.09 -0.35
N ALA A 315 -12.36 -14.99 -1.05
CA ALA A 315 -12.08 -13.81 -1.84
C ALA A 315 -13.04 -13.73 -3.03
N PRO A 316 -13.44 -12.52 -3.43
CA PRO A 316 -14.34 -12.42 -4.59
C PRO A 316 -13.65 -12.73 -5.89
N PHE A 317 -12.32 -12.75 -5.89
CA PHE A 317 -11.55 -12.93 -7.12
C PHE A 317 -10.28 -13.68 -6.76
N ILE A 318 -10.05 -14.81 -7.40
CA ILE A 318 -8.85 -15.62 -7.24
C ILE A 318 -8.06 -15.54 -8.54
N PRO A 319 -6.85 -14.97 -8.55
CA PRO A 319 -6.15 -14.78 -9.81
C PRO A 319 -5.67 -16.11 -10.37
N LYS A 320 -5.40 -16.10 -11.68
CA LYS A 320 -4.91 -17.28 -12.36
C LYS A 320 -3.58 -17.72 -11.76
N PHE A 321 -3.53 -18.96 -11.27
CA PHE A 321 -2.32 -19.53 -10.66
C PHE A 321 -2.00 -20.85 -11.36
N LYS A 322 -1.02 -20.80 -12.26
CA LYS A 322 -0.59 -21.97 -13.02
C LYS A 322 0.64 -22.64 -12.40
N GLY A 323 0.87 -22.45 -11.10
CA GLY A 323 1.97 -23.11 -10.43
C GLY A 323 3.00 -22.14 -9.90
N PRO A 324 3.96 -22.64 -9.14
CA PRO A 324 5.01 -21.76 -8.61
C PRO A 324 5.85 -21.20 -9.75
N GLY A 325 6.34 -19.98 -9.55
CA GLY A 325 7.13 -19.34 -10.56
C GLY A 325 6.36 -18.86 -11.78
N ASP A 326 5.06 -19.13 -11.85
CA ASP A 326 4.25 -18.58 -12.94
C ASP A 326 4.18 -17.07 -12.79
N THR A 327 4.38 -16.35 -13.90
CA THR A 327 4.36 -14.89 -13.93
C THR A 327 3.29 -14.34 -14.85
N SER A 328 2.29 -15.15 -15.19
CA SER A 328 1.35 -14.73 -16.23
C SER A 328 0.49 -13.56 -15.76
N ASN A 329 0.40 -13.32 -14.46
CA ASN A 329 -0.36 -12.19 -13.97
C ASN A 329 0.43 -10.89 -14.01
N PHE A 330 1.65 -10.89 -14.55
CA PHE A 330 2.49 -9.71 -14.59
C PHE A 330 2.82 -9.35 -16.03
N ASP A 331 2.92 -8.05 -16.31
CA ASP A 331 3.31 -7.56 -17.62
C ASP A 331 4.77 -7.88 -17.89
N ASP A 332 5.13 -7.86 -19.17
CA ASP A 332 6.52 -8.06 -19.58
C ASP A 332 7.28 -6.76 -19.49
N TYR A 333 8.48 -6.82 -18.93
CA TYR A 333 9.36 -5.67 -18.86
C TYR A 333 10.65 -5.97 -19.63
N GLU A 334 11.27 -4.91 -20.15
CA GLU A 334 12.56 -5.05 -20.80
C GLU A 334 13.59 -5.55 -19.77
N GLU A 335 14.35 -6.57 -20.16
CA GLU A 335 15.31 -7.20 -19.25
C GLU A 335 16.68 -6.56 -19.43
N GLU A 336 17.17 -5.90 -18.39
CA GLU A 336 18.53 -5.38 -18.38
C GLU A 336 19.47 -6.48 -17.88
N GLU A 337 20.67 -6.12 -17.44
CA GLU A 337 21.62 -7.07 -16.89
C GLU A 337 22.14 -6.55 -15.56
N ILE A 338 22.22 -7.43 -14.57
CA ILE A 338 22.64 -7.05 -13.21
C ILE A 338 24.17 -7.13 -13.21
N ARG A 339 24.80 -6.05 -13.66
CA ARG A 339 26.25 -5.95 -13.64
C ARG A 339 26.73 -5.50 -12.28
N VAL A 340 27.80 -6.12 -11.81
CA VAL A 340 28.35 -5.81 -10.50
C VAL A 340 29.78 -5.29 -10.66
N SEP A 341 29.96 -4.00 -10.42
CA SEP A 341 31.24 -3.35 -10.61
CB SEP A 341 31.11 -1.85 -10.27
OG SEP A 341 32.37 -1.22 -10.13
C SEP A 341 32.35 -4.00 -9.76
O SEP A 341 32.09 -4.57 -8.70
P SEP A 341 32.93 -0.70 -11.54
O1P SEP A 341 31.72 -0.20 -12.49
O2P SEP A 341 33.94 0.53 -11.27
O3P SEP A 341 33.71 -1.92 -12.25
N ILE A 342 33.58 -3.92 -10.26
CA ILE A 342 34.74 -4.46 -9.54
C ILE A 342 35.15 -3.51 -8.42
N ASN A 343 34.50 -2.34 -8.39
CA ASN A 343 34.77 -1.32 -7.39
C ASN A 343 33.53 -1.08 -6.56
N GLU A 344 33.70 -1.05 -5.23
CA GLU A 344 32.58 -0.78 -4.34
C GLU A 344 32.07 0.64 -4.55
N LYS A 345 30.75 0.77 -4.70
CA LYS A 345 30.12 2.07 -4.86
C LYS A 345 29.35 2.42 -3.59
N CYS A 346 29.47 3.67 -3.16
CA CYS A 346 28.61 4.24 -2.12
C CYS A 346 28.63 3.40 -0.85
N GLY A 347 29.81 2.89 -0.48
CA GLY A 347 29.89 1.98 0.66
C GLY A 347 29.49 2.63 1.97
N LYS A 348 29.98 3.85 2.21
CA LYS A 348 29.70 4.53 3.47
C LYS A 348 28.21 4.82 3.61
N GLU A 349 27.56 5.24 2.53
CA GLU A 349 26.16 5.65 2.60
C GLU A 349 25.26 4.49 3.00
N PHE A 350 25.61 3.26 2.60
CA PHE A 350 24.75 2.12 2.85
C PHE A 350 25.33 1.13 3.85
N THR A 351 26.22 1.62 4.73
CA THR A 351 26.86 0.77 5.73
C THR A 351 25.85 -0.02 6.55
N GLU A 352 24.74 0.60 6.94
CA GLU A 352 23.81 -0.08 7.83
C GLU A 352 22.88 -1.04 7.09
N PHE A 353 22.86 -1.01 5.77
CA PHE A 353 21.98 -1.91 5.03
C PHE A 353 22.44 -3.35 5.21
N THR B 1 -19.18 11.60 -20.55
CA THR B 1 -19.33 10.96 -19.24
C THR B 1 -18.10 11.22 -18.39
N THR B 2 -18.21 11.00 -17.09
CA THR B 2 -17.04 11.16 -16.24
C THR B 2 -15.95 10.17 -16.62
N TYR B 3 -16.32 8.93 -16.97
CA TYR B 3 -15.32 7.98 -17.45
C TYR B 3 -14.60 8.52 -18.69
N ALA B 4 -15.34 9.09 -19.64
CA ALA B 4 -14.69 9.68 -20.80
C ALA B 4 -13.71 10.78 -20.38
N ASP B 5 -14.08 11.57 -19.39
CA ASP B 5 -13.19 12.61 -18.91
C ASP B 5 -11.92 12.01 -18.32
N PHE B 6 -12.06 10.90 -17.60
CA PHE B 6 -10.91 10.21 -17.05
C PHE B 6 -9.98 9.75 -18.16
N ILE B 7 -10.55 9.14 -19.20
CA ILE B 7 -9.74 8.75 -20.35
C ILE B 7 -9.04 9.97 -20.94
N ALA B 8 -9.77 11.08 -21.06
CA ALA B 8 -9.22 12.28 -21.69
C ALA B 8 -8.06 12.86 -20.91
N SER B 9 -7.97 12.56 -19.60
CA SER B 9 -6.90 13.09 -18.78
C SER B 9 -5.54 12.49 -19.12
N GLY B 10 -5.52 11.34 -19.78
CA GLY B 10 -4.27 10.65 -20.06
C GLY B 10 -3.58 10.02 -18.86
N ARG B 11 -4.15 10.13 -17.66
CA ARG B 11 -3.56 9.51 -16.48
C ARG B 11 -4.26 8.21 -16.13
N THR B 12 -4.44 7.37 -17.14
CA THR B 12 -5.10 6.09 -16.91
C THR B 12 -4.13 4.96 -16.64
N GLY B 13 -2.82 5.18 -16.83
CA GLY B 13 -1.82 4.16 -16.60
C GLY B 13 -1.20 4.29 -15.21
N ARG B 14 -0.16 3.50 -15.00
CA ARG B 14 0.47 3.47 -13.68
C ARG B 14 1.06 4.84 -13.36
N ARG B 15 0.77 5.32 -12.17
CA ARG B 15 1.08 6.68 -11.76
C ARG B 15 2.33 6.68 -10.89
N ASN B 16 3.25 7.59 -11.18
CA ASN B 16 4.44 7.73 -10.36
C ASN B 16 4.18 8.58 -9.12
N ALA B 17 4.95 8.31 -8.08
CA ALA B 17 5.00 9.22 -6.94
C ALA B 17 5.71 10.50 -7.36
N ILE B 18 5.46 11.57 -6.61
CA ILE B 18 6.00 12.87 -7.00
C ILE B 18 7.47 12.96 -6.60
N HIS B 19 8.23 13.70 -7.41
CA HIS B 19 9.68 13.84 -7.22
C HIS B 19 10.20 15.14 -7.80
CAE 1LQ C . 6.52 -6.50 -7.67
CAB 1LQ C . 7.02 -5.39 -7.03
CAC 1LQ C . 7.40 -5.45 -5.70
CAF 1LQ C . 7.28 -6.61 -4.99
C5 1LQ C . 6.76 -7.78 -5.59
C4 1LQ C . 6.37 -7.71 -6.96
N3 1LQ C . 5.80 -8.78 -7.61
C2 1LQ C . 5.63 -9.87 -6.88
N1 1LQ C . 5.94 -10.06 -5.59
C6 1LQ C . 6.52 -9.03 -4.93
NAA 1LQ C . 6.86 -9.21 -3.64
S DMS D . -7.33 -7.68 14.16
O DMS D . -8.03 -6.86 15.15
C1 DMS D . -6.01 -6.68 13.60
C2 DMS D . -6.40 -8.87 15.12
#